data_6F61
#
_entry.id   6F61
#
_cell.length_a   1.000
_cell.length_b   1.000
_cell.length_c   1.000
_cell.angle_alpha   90.00
_cell.angle_beta   90.00
_cell.angle_gamma   90.00
#
_symmetry.space_group_name_H-M   'P 1'
#
_entity_poly.entity_id   1
_entity_poly.type   'polypeptide(L)'
_entity_poly.pdbx_seq_one_letter_code
;GYCATKGIKCNDIHCCSGLKCDSKRKVCVKG
;
_entity_poly.pdbx_strand_id   A
#
# COMPACT_ATOMS: atom_id res chain seq x y z
N GLY A 1 0.02 -9.38 -11.04
CA GLY A 1 1.30 -8.86 -11.49
C GLY A 1 2.19 -8.46 -10.34
N TYR A 2 2.07 -7.21 -9.89
CA TYR A 2 2.88 -6.70 -8.79
C TYR A 2 2.30 -5.40 -8.26
N CYS A 3 1.76 -5.46 -7.05
CA CYS A 3 1.17 -4.28 -6.42
C CYS A 3 2.14 -3.67 -5.40
N ALA A 4 1.65 -2.68 -4.65
CA ALA A 4 2.47 -2.01 -3.64
C ALA A 4 2.40 -2.74 -2.31
N THR A 5 3.50 -3.39 -1.93
CA THR A 5 3.56 -4.13 -0.69
C THR A 5 3.91 -3.21 0.48
N LYS A 6 3.84 -3.75 1.69
CA LYS A 6 4.14 -2.97 2.89
C LYS A 6 5.44 -2.19 2.73
N GLY A 7 5.44 -0.94 3.17
CA GLY A 7 6.63 -0.11 3.06
C GLY A 7 6.69 0.64 1.73
N ILE A 8 5.83 0.24 0.80
CA ILE A 8 5.79 0.88 -0.51
C ILE A 8 4.77 2.01 -0.55
N LYS A 9 5.19 3.18 -0.99
CA LYS A 9 4.31 4.34 -1.08
C LYS A 9 3.03 3.99 -1.83
N CYS A 10 1.91 4.51 -1.35
CA CYS A 10 0.63 4.25 -1.97
C CYS A 10 -0.06 5.55 -2.37
N ASN A 11 0.73 6.61 -2.50
CA ASN A 11 0.21 7.93 -2.87
C ASN A 11 -0.57 7.84 -4.19
N ASP A 12 -0.23 6.85 -5.00
CA ASP A 12 -0.90 6.67 -6.29
C ASP A 12 -1.16 5.18 -6.56
N ILE A 13 -0.12 4.37 -6.35
CA ILE A 13 -0.23 2.93 -6.58
C ILE A 13 -1.02 2.26 -5.46
N HIS A 14 -1.81 1.26 -5.82
CA HIS A 14 -2.62 0.53 -4.85
C HIS A 14 -1.90 -0.74 -4.38
N CYS A 15 -2.25 -1.21 -3.19
CA CYS A 15 -1.64 -2.40 -2.64
C CYS A 15 -2.43 -3.65 -3.03
N CYS A 16 -1.75 -4.79 -3.07
CA CYS A 16 -2.39 -6.05 -3.43
C CYS A 16 -3.48 -6.42 -2.43
N SER A 17 -4.45 -7.20 -2.88
CA SER A 17 -5.55 -7.62 -2.02
C SER A 17 -5.02 -8.21 -0.71
N GLY A 18 -5.21 -7.48 0.38
CA GLY A 18 -4.76 -7.95 1.67
C GLY A 18 -4.03 -6.87 2.45
N LEU A 19 -3.62 -5.81 1.76
CA LEU A 19 -2.91 -4.71 2.39
C LEU A 19 -3.73 -3.43 2.35
N LYS A 20 -3.44 -2.51 3.27
CA LYS A 20 -4.15 -1.24 3.33
C LYS A 20 -3.24 -0.09 2.91
N CYS A 21 -3.83 0.93 2.30
CA CYS A 21 -3.08 2.09 1.84
C CYS A 21 -3.14 3.21 2.86
N ASP A 22 -2.12 3.26 3.72
CA ASP A 22 -2.06 4.29 4.76
C ASP A 22 -2.03 5.68 4.15
N SER A 23 -3.17 6.37 4.18
CA SER A 23 -3.27 7.71 3.62
C SER A 23 -2.56 8.73 4.51
N LYS A 24 -2.22 8.31 5.73
CA LYS A 24 -1.53 9.18 6.67
C LYS A 24 -0.03 9.16 6.45
N ARG A 25 0.52 7.97 6.21
CA ARG A 25 1.95 7.82 5.97
C ARG A 25 2.23 7.65 4.48
N LYS A 26 1.18 7.72 3.67
CA LYS A 26 1.32 7.59 2.23
C LYS A 26 2.08 6.31 1.88
N VAL A 27 1.76 5.22 2.57
CA VAL A 27 2.42 3.94 2.33
C VAL A 27 1.48 2.78 2.65
N CYS A 28 1.82 1.60 2.14
CA CYS A 28 1.01 0.41 2.37
C CYS A 28 1.35 -0.23 3.72
N VAL A 29 0.32 -0.73 4.40
CA VAL A 29 0.52 -1.37 5.70
C VAL A 29 -0.22 -2.70 5.78
N LYS A 30 0.00 -3.43 6.86
CA LYS A 30 -0.66 -4.72 7.06
C LYS A 30 -2.16 -4.55 7.26
N GLY A 31 -2.94 -5.42 6.64
CA GLY A 31 -4.39 -5.35 6.76
C GLY A 31 -4.89 -5.92 8.07
N GLY A 1 0.19 -7.53 -12.64
CA GLY A 1 0.39 -7.87 -11.25
C GLY A 1 1.40 -6.97 -10.57
N TYR A 2 2.08 -7.50 -9.56
CA TYR A 2 3.07 -6.73 -8.81
C TYR A 2 2.47 -5.44 -8.27
N CYS A 3 1.92 -5.51 -7.07
CA CYS A 3 1.31 -4.35 -6.44
C CYS A 3 2.25 -3.73 -5.41
N ALA A 4 1.74 -2.76 -4.64
CA ALA A 4 2.53 -2.09 -3.63
C ALA A 4 2.47 -2.83 -2.30
N THR A 5 3.57 -3.48 -1.92
CA THR A 5 3.63 -4.22 -0.67
C THR A 5 3.94 -3.31 0.50
N LYS A 6 3.89 -3.87 1.71
CA LYS A 6 4.18 -3.10 2.91
C LYS A 6 5.46 -2.29 2.76
N GLY A 7 5.42 -1.03 3.15
CA GLY A 7 6.59 -0.17 3.06
C GLY A 7 6.62 0.61 1.75
N ILE A 8 5.89 0.12 0.75
CA ILE A 8 5.84 0.78 -0.55
C ILE A 8 4.79 1.89 -0.56
N LYS A 9 5.21 3.08 -0.96
CA LYS A 9 4.31 4.22 -1.02
C LYS A 9 3.04 3.87 -1.81
N CYS A 10 1.91 4.38 -1.36
CA CYS A 10 0.64 4.13 -2.02
C CYS A 10 -0.05 5.43 -2.40
N ASN A 11 0.74 6.49 -2.53
CA ASN A 11 0.21 7.81 -2.89
C ASN A 11 -0.54 7.74 -4.22
N ASP A 12 -0.21 6.74 -5.04
CA ASP A 12 -0.84 6.56 -6.33
C ASP A 12 -1.08 5.09 -6.62
N ILE A 13 -0.07 4.27 -6.36
CA ILE A 13 -0.17 2.83 -6.60
C ILE A 13 -0.96 2.15 -5.49
N HIS A 14 -1.74 1.14 -5.87
CA HIS A 14 -2.56 0.40 -4.92
C HIS A 14 -1.83 -0.86 -4.45
N CYS A 15 -2.19 -1.33 -3.25
CA CYS A 15 -1.57 -2.53 -2.69
C CYS A 15 -2.34 -3.78 -3.09
N CYS A 16 -1.64 -4.92 -3.14
CA CYS A 16 -2.26 -6.18 -3.50
C CYS A 16 -3.36 -6.56 -2.51
N SER A 17 -4.32 -7.35 -2.98
CA SER A 17 -5.43 -7.78 -2.13
C SER A 17 -4.92 -8.37 -0.83
N GLY A 18 -5.13 -7.65 0.26
CA GLY A 18 -4.68 -8.13 1.56
C GLY A 18 -3.96 -7.06 2.35
N LEU A 19 -3.55 -5.99 1.67
CA LEU A 19 -2.84 -4.90 2.32
C LEU A 19 -3.66 -3.61 2.27
N LYS A 20 -3.44 -2.74 3.25
CA LYS A 20 -4.16 -1.48 3.32
C LYS A 20 -3.26 -0.31 2.92
N CYS A 21 -3.85 0.69 2.27
CA CYS A 21 -3.09 1.85 1.82
C CYS A 21 -3.19 2.98 2.84
N ASP A 22 -2.19 3.08 3.71
CA ASP A 22 -2.17 4.12 4.73
C ASP A 22 -2.14 5.50 4.10
N SER A 23 -3.27 6.17 4.10
CA SER A 23 -3.38 7.51 3.52
C SER A 23 -2.70 8.54 4.42
N LYS A 24 -2.39 8.14 5.64
CA LYS A 24 -1.74 9.03 6.60
C LYS A 24 -0.23 9.02 6.40
N ARG A 25 0.33 7.84 6.19
CA ARG A 25 1.77 7.69 5.98
C ARG A 25 2.09 7.53 4.50
N LYS A 26 1.06 7.58 3.66
CA LYS A 26 1.24 7.43 2.23
C LYS A 26 2.01 6.15 1.90
N VAL A 27 1.69 5.08 2.60
CA VAL A 27 2.35 3.80 2.39
C VAL A 27 1.43 2.63 2.72
N CYS A 28 1.78 1.45 2.22
CA CYS A 28 0.98 0.25 2.47
C CYS A 28 1.32 -0.37 3.82
N VAL A 29 0.30 -0.79 4.54
CA VAL A 29 0.49 -1.40 5.85
C VAL A 29 -0.34 -2.67 5.99
N LYS A 30 0.04 -3.51 6.95
CA LYS A 30 -0.68 -4.76 7.19
C LYS A 30 -1.99 -4.51 7.91
N GLY A 31 -2.96 -3.92 7.20
CA GLY A 31 -4.25 -3.64 7.78
C GLY A 31 -4.32 -2.25 8.38
N GLY A 1 -0.39 -8.05 -10.86
CA GLY A 1 0.17 -8.91 -9.83
C GLY A 1 1.15 -8.18 -8.93
N TYR A 2 2.00 -7.36 -9.53
CA TYR A 2 3.00 -6.62 -8.78
C TYR A 2 2.40 -5.32 -8.24
N CYS A 3 1.85 -5.38 -7.03
CA CYS A 3 1.24 -4.22 -6.40
C CYS A 3 2.18 -3.60 -5.38
N ALA A 4 1.68 -2.63 -4.62
CA ALA A 4 2.48 -1.97 -3.60
C ALA A 4 2.42 -2.71 -2.27
N THR A 5 3.52 -3.34 -1.90
CA THR A 5 3.58 -4.11 -0.66
C THR A 5 3.91 -3.19 0.52
N LYS A 6 3.84 -3.74 1.73
CA LYS A 6 4.14 -2.98 2.93
C LYS A 6 5.44 -2.19 2.78
N GLY A 7 5.40 -0.92 3.18
CA GLY A 7 6.58 -0.09 3.08
C GLY A 7 6.64 0.68 1.77
N ILE A 8 5.91 0.20 0.77
CA ILE A 8 5.88 0.85 -0.52
C ILE A 8 4.84 1.97 -0.56
N LYS A 9 5.27 3.16 -0.96
CA LYS A 9 4.40 4.32 -1.04
C LYS A 9 3.14 3.99 -1.86
N CYS A 10 2.00 4.50 -1.41
CA CYS A 10 0.74 4.26 -2.09
C CYS A 10 0.07 5.58 -2.48
N ASN A 11 0.88 6.63 -2.63
CA ASN A 11 0.37 7.94 -2.99
C ASN A 11 -0.45 7.87 -4.28
N ASP A 12 -0.15 6.87 -5.11
CA ASP A 12 -0.86 6.68 -6.37
C ASP A 12 -1.11 5.21 -6.65
N ILE A 13 -0.10 4.38 -6.38
CA ILE A 13 -0.22 2.94 -6.60
C ILE A 13 -1.00 2.28 -5.48
N HIS A 14 -1.79 1.27 -5.83
CA HIS A 14 -2.59 0.55 -4.86
C HIS A 14 -1.87 -0.71 -4.39
N CYS A 15 -2.23 -1.19 -3.20
CA CYS A 15 -1.62 -2.39 -2.65
C CYS A 15 -2.40 -3.64 -3.05
N CYS A 16 -1.71 -4.77 -3.09
CA CYS A 16 -2.32 -6.04 -3.46
C CYS A 16 -3.43 -6.41 -2.48
N SER A 17 -4.39 -7.20 -2.95
CA SER A 17 -5.51 -7.63 -2.11
C SER A 17 -5.00 -8.23 -0.80
N GLY A 18 -5.17 -7.49 0.29
CA GLY A 18 -4.73 -7.97 1.59
C GLY A 18 -3.98 -6.91 2.37
N LEU A 19 -3.60 -5.83 1.69
CA LEU A 19 -2.88 -4.75 2.34
C LEU A 19 -3.69 -3.45 2.30
N LYS A 20 -3.45 -2.57 3.26
CA LYS A 20 -4.15 -1.30 3.32
C LYS A 20 -3.23 -0.14 2.93
N CYS A 21 -3.79 0.84 2.23
CA CYS A 21 -3.02 2.00 1.79
C CYS A 21 -3.14 3.13 2.80
N ASP A 22 -2.14 3.23 3.68
CA ASP A 22 -2.14 4.28 4.69
C ASP A 22 -2.09 5.67 4.06
N SER A 23 -3.22 6.35 4.04
CA SER A 23 -3.31 7.68 3.45
C SER A 23 -2.63 8.72 4.34
N LYS A 24 -2.33 8.32 5.57
CA LYS A 24 -1.68 9.21 6.53
C LYS A 24 -0.16 9.19 6.34
N ARG A 25 0.38 8.00 6.13
CA ARG A 25 1.82 7.85 5.95
C ARG A 25 2.15 7.66 4.47
N LYS A 26 1.14 7.72 3.63
CA LYS A 26 1.32 7.56 2.19
C LYS A 26 2.08 6.28 1.87
N VAL A 27 1.75 5.20 2.59
CA VAL A 27 2.41 3.92 2.39
C VAL A 27 1.48 2.77 2.73
N CYS A 28 1.80 1.58 2.23
CA CYS A 28 0.98 0.39 2.49
C CYS A 28 1.33 -0.23 3.84
N VAL A 29 0.32 -0.71 4.54
CA VAL A 29 0.52 -1.34 5.84
C VAL A 29 -0.20 -2.68 5.94
N LYS A 30 0.16 -3.47 6.94
CA LYS A 30 -0.46 -4.78 7.14
C LYS A 30 -1.97 -4.66 7.20
N GLY A 31 -2.66 -5.56 6.50
CA GLY A 31 -4.11 -5.54 6.49
C GLY A 31 -4.71 -6.92 6.68
N GLY A 1 0.54 -9.52 -11.70
CA GLY A 1 1.70 -8.66 -11.88
C GLY A 1 2.43 -8.39 -10.58
N TYR A 2 2.22 -7.21 -10.02
CA TYR A 2 2.87 -6.83 -8.77
C TYR A 2 2.30 -5.51 -8.24
N CYS A 3 1.76 -5.54 -7.03
CA CYS A 3 1.19 -4.35 -6.41
C CYS A 3 2.16 -3.74 -5.42
N ALA A 4 1.69 -2.74 -4.67
CA ALA A 4 2.51 -2.07 -3.68
C ALA A 4 2.44 -2.78 -2.33
N THR A 5 3.53 -3.45 -1.95
CA THR A 5 3.58 -4.17 -0.69
C THR A 5 3.95 -3.24 0.47
N LYS A 6 3.90 -3.77 1.69
CA LYS A 6 4.23 -2.98 2.87
C LYS A 6 5.52 -2.20 2.67
N GLY A 7 5.49 -0.92 3.02
CA GLY A 7 6.66 -0.08 2.87
C GLY A 7 6.64 0.72 1.58
N ILE A 8 5.89 0.24 0.61
CA ILE A 8 5.79 0.91 -0.69
C ILE A 8 4.73 2.01 -0.65
N LYS A 9 5.11 3.20 -1.12
CA LYS A 9 4.20 4.33 -1.15
C LYS A 9 2.88 3.96 -1.82
N CYS A 10 1.77 4.47 -1.29
CA CYS A 10 0.45 4.19 -1.84
C CYS A 10 -0.25 5.48 -2.23
N ASN A 11 0.50 6.57 -2.31
CA ASN A 11 -0.06 7.87 -2.67
C ASN A 11 -0.67 7.81 -4.06
N ASP A 12 -0.27 6.82 -4.86
CA ASP A 12 -0.78 6.66 -6.21
C ASP A 12 -1.06 5.20 -6.51
N ILE A 13 -0.06 4.35 -6.33
CA ILE A 13 -0.19 2.93 -6.58
C ILE A 13 -1.00 2.24 -5.48
N HIS A 14 -1.78 1.25 -5.86
CA HIS A 14 -2.59 0.52 -4.90
C HIS A 14 -1.88 -0.75 -4.42
N CYS A 15 -2.22 -1.21 -3.23
CA CYS A 15 -1.62 -2.41 -2.66
C CYS A 15 -2.40 -3.65 -3.04
N CYS A 16 -1.73 -4.80 -3.05
CA CYS A 16 -2.37 -6.06 -3.39
C CYS A 16 -3.46 -6.40 -2.39
N SER A 17 -4.44 -7.19 -2.83
CA SER A 17 -5.55 -7.59 -1.96
C SER A 17 -5.03 -8.18 -0.65
N GLY A 18 -5.24 -7.45 0.43
CA GLY A 18 -4.78 -7.91 1.73
C GLY A 18 -4.05 -6.82 2.51
N LEU A 19 -3.61 -5.79 1.80
CA LEU A 19 -2.89 -4.68 2.43
C LEU A 19 -3.73 -3.41 2.40
N LYS A 20 -3.44 -2.50 3.33
CA LYS A 20 -4.16 -1.23 3.41
C LYS A 20 -3.27 -0.08 2.94
N CYS A 21 -3.90 0.94 2.37
CA CYS A 21 -3.16 2.10 1.88
C CYS A 21 -3.15 3.22 2.92
N ASP A 22 -2.11 3.25 3.74
CA ASP A 22 -1.98 4.26 4.78
C ASP A 22 -1.98 5.67 4.18
N SER A 23 -3.11 6.35 4.26
CA SER A 23 -3.24 7.69 3.73
C SER A 23 -2.51 8.70 4.60
N LYS A 24 -2.13 8.27 5.81
CA LYS A 24 -1.42 9.13 6.74
C LYS A 24 0.08 9.12 6.47
N ARG A 25 0.62 7.93 6.22
CA ARG A 25 2.04 7.78 5.94
C ARG A 25 2.29 7.63 4.44
N LYS A 26 1.22 7.71 3.66
CA LYS A 26 1.32 7.57 2.21
C LYS A 26 2.09 6.31 1.83
N VAL A 27 1.77 5.21 2.51
CA VAL A 27 2.42 3.93 2.24
C VAL A 27 1.48 2.76 2.53
N CYS A 28 1.84 1.59 2.03
CA CYS A 28 1.03 0.39 2.25
C CYS A 28 1.39 -0.27 3.58
N VAL A 29 0.37 -0.76 4.27
CA VAL A 29 0.57 -1.42 5.56
C VAL A 29 -0.29 -2.68 5.67
N LYS A 30 -0.16 -3.38 6.79
CA LYS A 30 -0.92 -4.60 7.03
C LYS A 30 -2.36 -4.27 7.45
N GLY A 31 -3.29 -5.13 7.05
CA GLY A 31 -4.68 -4.92 7.39
C GLY A 31 -5.20 -5.95 8.38
N GLY A 1 -0.81 -7.50 -11.09
CA GLY A 1 0.56 -7.93 -11.34
C GLY A 1 1.57 -7.07 -10.60
N TYR A 2 2.12 -7.61 -9.53
CA TYR A 2 3.10 -6.88 -8.73
C TYR A 2 2.52 -5.57 -8.21
N CYS A 3 1.97 -5.61 -7.00
CA CYS A 3 1.37 -4.43 -6.39
C CYS A 3 2.33 -3.80 -5.38
N ALA A 4 1.83 -2.82 -4.63
CA ALA A 4 2.64 -2.13 -3.63
C ALA A 4 2.55 -2.85 -2.28
N THR A 5 3.64 -3.50 -1.89
CA THR A 5 3.68 -4.21 -0.62
C THR A 5 4.01 -3.28 0.54
N LYS A 6 3.96 -3.81 1.76
CA LYS A 6 4.25 -3.02 2.95
C LYS A 6 5.54 -2.21 2.76
N GLY A 7 5.49 -0.93 3.10
CA GLY A 7 6.65 -0.08 2.97
C GLY A 7 6.65 0.72 1.68
N ILE A 8 5.91 0.23 0.69
CA ILE A 8 5.83 0.89 -0.60
C ILE A 8 4.76 1.98 -0.58
N LYS A 9 5.12 3.17 -1.05
CA LYS A 9 4.20 4.30 -1.09
C LYS A 9 2.90 3.90 -1.79
N CYS A 10 1.79 4.40 -1.28
CA CYS A 10 0.48 4.10 -1.85
C CYS A 10 -0.24 5.39 -2.26
N ASN A 11 0.51 6.48 -2.32
CA ASN A 11 -0.06 7.77 -2.71
C ASN A 11 -0.64 7.72 -4.11
N ASP A 12 -0.22 6.72 -4.89
CA ASP A 12 -0.71 6.56 -6.25
C ASP A 12 -0.97 5.09 -6.55
N ILE A 13 0.05 4.25 -6.36
CA ILE A 13 -0.08 2.82 -6.61
C ILE A 13 -0.89 2.14 -5.51
N HIS A 14 -1.65 1.12 -5.91
CA HIS A 14 -2.48 0.38 -4.96
C HIS A 14 -1.75 -0.87 -4.47
N CYS A 15 -2.11 -1.32 -3.27
CA CYS A 15 -1.50 -2.52 -2.69
C CYS A 15 -2.28 -3.78 -3.08
N CYS A 16 -1.59 -4.92 -3.07
CA CYS A 16 -2.21 -6.18 -3.42
C CYS A 16 -3.30 -6.55 -2.42
N SER A 17 -4.26 -7.34 -2.87
CA SER A 17 -5.37 -7.76 -2.02
C SER A 17 -4.86 -8.33 -0.70
N GLY A 18 -5.12 -7.60 0.39
CA GLY A 18 -4.68 -8.05 1.70
C GLY A 18 -3.97 -6.95 2.47
N LEU A 19 -3.54 -5.92 1.77
CA LEU A 19 -2.84 -4.80 2.39
C LEU A 19 -3.68 -3.53 2.34
N LYS A 20 -3.42 -2.61 3.27
CA LYS A 20 -4.16 -1.35 3.33
C LYS A 20 -3.28 -0.19 2.88
N CYS A 21 -3.91 0.82 2.28
CA CYS A 21 -3.18 1.99 1.80
C CYS A 21 -3.21 3.11 2.84
N ASP A 22 -2.18 3.15 3.68
CA ASP A 22 -2.08 4.17 4.72
C ASP A 22 -2.08 5.56 4.12
N SER A 23 -3.22 6.23 4.18
CA SER A 23 -3.35 7.58 3.64
C SER A 23 -2.65 8.60 4.53
N LYS A 24 -2.29 8.18 5.74
CA LYS A 24 -1.61 9.05 6.69
C LYS A 24 -0.11 9.05 6.44
N ARG A 25 0.44 7.86 6.20
CA ARG A 25 1.88 7.73 5.95
C ARG A 25 2.17 7.58 4.46
N LYS A 26 1.10 7.64 3.66
CA LYS A 26 1.23 7.50 2.21
C LYS A 26 2.01 6.24 1.84
N VAL A 27 1.69 5.14 2.52
CA VAL A 27 2.36 3.87 2.25
C VAL A 27 1.44 2.70 2.54
N CYS A 28 1.82 1.52 2.06
CA CYS A 28 1.02 0.31 2.26
C CYS A 28 1.36 -0.34 3.60
N VAL A 29 0.33 -0.82 4.30
CA VAL A 29 0.51 -1.47 5.58
C VAL A 29 -0.32 -2.74 5.67
N LYS A 30 -0.07 -3.52 6.72
CA LYS A 30 -0.79 -4.77 6.94
C LYS A 30 -2.17 -4.51 7.55
N GLY A 31 -3.21 -4.65 6.73
CA GLY A 31 -4.56 -4.42 7.22
C GLY A 31 -4.72 -3.07 7.89
N GLY A 1 0.65 -8.41 -12.35
CA GLY A 1 0.21 -7.84 -11.09
C GLY A 1 1.23 -6.90 -10.49
N TYR A 2 1.96 -7.38 -9.49
CA TYR A 2 2.98 -6.56 -8.82
C TYR A 2 2.37 -5.29 -8.25
N CYS A 3 1.84 -5.38 -7.04
CA CYS A 3 1.23 -4.23 -6.38
C CYS A 3 2.18 -3.61 -5.37
N ALA A 4 1.67 -2.67 -4.58
CA ALA A 4 2.47 -2.01 -3.57
C ALA A 4 2.44 -2.77 -2.24
N THR A 5 3.57 -3.40 -1.90
CA THR A 5 3.67 -4.16 -0.67
C THR A 5 4.01 -3.26 0.51
N LYS A 6 3.98 -3.83 1.72
CA LYS A 6 4.29 -3.08 2.93
C LYS A 6 5.56 -2.26 2.75
N GLY A 7 5.51 -0.99 3.15
CA GLY A 7 6.66 -0.13 3.02
C GLY A 7 6.68 0.63 1.71
N ILE A 8 5.94 0.15 0.73
CA ILE A 8 5.87 0.79 -0.57
C ILE A 8 4.82 1.89 -0.59
N LYS A 9 5.24 3.09 -0.98
CA LYS A 9 4.33 4.23 -1.05
C LYS A 9 3.08 3.89 -1.85
N CYS A 10 1.95 4.42 -1.41
CA CYS A 10 0.68 4.18 -2.08
C CYS A 10 0.00 5.49 -2.46
N ASN A 11 0.80 6.54 -2.62
CA ASN A 11 0.29 7.85 -2.99
C ASN A 11 -0.54 7.78 -4.27
N ASP A 12 -0.25 6.77 -5.10
CA ASP A 12 -0.97 6.58 -6.35
C ASP A 12 -1.22 5.10 -6.61
N ILE A 13 -0.19 4.28 -6.40
CA ILE A 13 -0.30 2.85 -6.61
C ILE A 13 -1.06 2.17 -5.47
N HIS A 14 -1.85 1.16 -5.80
CA HIS A 14 -2.63 0.44 -4.80
C HIS A 14 -1.89 -0.82 -4.34
N CYS A 15 -2.23 -1.30 -3.15
CA CYS A 15 -1.60 -2.49 -2.60
C CYS A 15 -2.36 -3.75 -3.01
N CYS A 16 -1.65 -4.88 -3.03
CA CYS A 16 -2.26 -6.16 -3.40
C CYS A 16 -3.33 -6.56 -2.39
N SER A 17 -4.27 -7.38 -2.84
CA SER A 17 -5.36 -7.84 -1.98
C SER A 17 -4.81 -8.41 -0.67
N GLY A 18 -5.00 -7.66 0.41
CA GLY A 18 -4.51 -8.11 1.70
C GLY A 18 -3.78 -7.01 2.45
N LEU A 19 -3.46 -5.93 1.76
CA LEU A 19 -2.76 -4.81 2.37
C LEU A 19 -3.57 -3.53 2.27
N LYS A 20 -3.42 -2.65 3.26
CA LYS A 20 -4.14 -1.39 3.29
C LYS A 20 -3.23 -0.23 2.89
N CYS A 21 -3.81 0.76 2.22
CA CYS A 21 -3.05 1.93 1.78
C CYS A 21 -3.14 3.06 2.80
N ASP A 22 -2.14 3.14 3.67
CA ASP A 22 -2.12 4.18 4.70
C ASP A 22 -2.07 5.58 4.07
N SER A 23 -3.21 6.24 4.07
CA SER A 23 -3.32 7.58 3.50
C SER A 23 -2.64 8.61 4.39
N LYS A 24 -2.30 8.20 5.61
CA LYS A 24 -1.65 9.09 6.57
C LYS A 24 -0.14 9.09 6.36
N ARG A 25 0.42 7.89 6.15
CA ARG A 25 1.85 7.76 5.94
C ARG A 25 2.17 7.57 4.45
N LYS A 26 1.14 7.63 3.62
CA LYS A 26 1.29 7.47 2.18
C LYS A 26 2.07 6.20 1.86
N VAL A 27 1.75 5.12 2.56
CA VAL A 27 2.41 3.84 2.35
C VAL A 27 1.49 2.68 2.68
N CYS A 28 1.85 1.48 2.23
CA CYS A 28 1.05 0.30 2.48
C CYS A 28 1.43 -0.34 3.80
N VAL A 29 0.43 -0.90 4.50
CA VAL A 29 0.67 -1.54 5.79
C VAL A 29 -0.33 -2.67 6.02
N LYS A 30 -0.01 -3.53 6.98
CA LYS A 30 -0.88 -4.66 7.32
C LYS A 30 -2.19 -4.18 7.92
N GLY A 31 -3.31 -4.63 7.36
CA GLY A 31 -4.61 -4.23 7.86
C GLY A 31 -5.67 -4.24 6.78
N GLY A 1 -1.01 -7.94 -10.30
CA GLY A 1 0.18 -7.84 -11.12
C GLY A 1 1.22 -6.90 -10.53
N TYR A 2 1.99 -7.41 -9.59
CA TYR A 2 3.03 -6.62 -8.93
C TYR A 2 2.45 -5.33 -8.35
N CYS A 3 1.94 -5.43 -7.13
CA CYS A 3 1.34 -4.28 -6.45
C CYS A 3 2.33 -3.67 -5.45
N ALA A 4 1.84 -2.74 -4.65
CA ALA A 4 2.67 -2.08 -3.65
C ALA A 4 2.60 -2.81 -2.31
N THR A 5 3.70 -3.46 -1.94
CA THR A 5 3.76 -4.20 -0.69
C THR A 5 4.09 -3.27 0.48
N LYS A 6 4.06 -3.82 1.69
CA LYS A 6 4.36 -3.04 2.89
C LYS A 6 5.63 -2.22 2.71
N GLY A 7 5.56 -0.93 3.05
CA GLY A 7 6.71 -0.07 2.90
C GLY A 7 6.69 0.73 1.61
N ILE A 8 5.95 0.23 0.63
CA ILE A 8 5.85 0.90 -0.66
C ILE A 8 4.77 1.98 -0.64
N LYS A 9 5.14 3.18 -1.07
CA LYS A 9 4.21 4.30 -1.11
C LYS A 9 2.92 3.91 -1.83
N CYS A 10 1.79 4.41 -1.32
CA CYS A 10 0.49 4.12 -1.90
C CYS A 10 -0.22 5.40 -2.32
N ASN A 11 0.53 6.49 -2.38
CA ASN A 11 -0.02 7.80 -2.76
C ASN A 11 -0.60 7.74 -4.17
N ASP A 12 -0.18 6.74 -4.95
CA ASP A 12 -0.65 6.59 -6.31
C ASP A 12 -0.91 5.11 -6.63
N ILE A 13 0.10 4.28 -6.41
CA ILE A 13 -0.01 2.86 -6.68
C ILE A 13 -0.85 2.17 -5.59
N HIS A 14 -1.59 1.14 -5.99
CA HIS A 14 -2.43 0.39 -5.05
C HIS A 14 -1.70 -0.85 -4.55
N CYS A 15 -2.06 -1.29 -3.35
CA CYS A 15 -1.44 -2.46 -2.74
C CYS A 15 -2.21 -3.73 -3.11
N CYS A 16 -1.51 -4.85 -3.11
CA CYS A 16 -2.13 -6.13 -3.44
C CYS A 16 -3.18 -6.52 -2.40
N SER A 17 -4.11 -7.38 -2.81
CA SER A 17 -5.17 -7.83 -1.91
C SER A 17 -4.60 -8.33 -0.58
N GLY A 18 -5.02 -7.69 0.51
CA GLY A 18 -4.53 -8.09 1.82
C GLY A 18 -3.82 -6.97 2.55
N LEU A 19 -3.42 -5.95 1.79
CA LEU A 19 -2.72 -4.79 2.36
C LEU A 19 -3.58 -3.54 2.27
N LYS A 20 -3.39 -2.63 3.23
CA LYS A 20 -4.14 -1.38 3.25
C LYS A 20 -3.26 -0.22 2.81
N CYS A 21 -3.90 0.80 2.22
CA CYS A 21 -3.17 1.98 1.75
C CYS A 21 -3.21 3.09 2.80
N ASP A 22 -2.18 3.11 3.65
CA ASP A 22 -2.09 4.13 4.69
C ASP A 22 -2.08 5.53 4.10
N SER A 23 -3.23 6.19 4.17
CA SER A 23 -3.36 7.55 3.62
C SER A 23 -2.66 8.57 4.53
N LYS A 24 -2.30 8.13 5.73
CA LYS A 24 -1.62 8.99 6.69
C LYS A 24 -0.12 8.99 6.44
N ARG A 25 0.44 7.82 6.20
CA ARG A 25 1.87 7.69 5.95
C ARG A 25 2.15 7.55 4.46
N LYS A 26 1.09 7.60 3.65
CA LYS A 26 1.23 7.48 2.21
C LYS A 26 2.01 6.22 1.84
N VAL A 27 1.69 5.12 2.51
CA VAL A 27 2.36 3.85 2.25
C VAL A 27 1.45 2.67 2.54
N CYS A 28 1.86 1.48 2.10
CA CYS A 28 1.08 0.27 2.31
C CYS A 28 1.43 -0.39 3.64
N VAL A 29 0.42 -0.85 4.36
CA VAL A 29 0.63 -1.50 5.65
C VAL A 29 -0.40 -2.60 5.88
N LYS A 30 -0.16 -3.41 6.91
CA LYS A 30 -1.08 -4.51 7.24
C LYS A 30 -2.41 -3.97 7.74
N GLY A 31 -3.50 -4.51 7.22
CA GLY A 31 -4.83 -4.06 7.62
C GLY A 31 -5.87 -5.16 7.48
N GLY A 1 0.89 -8.98 -11.62
CA GLY A 1 0.23 -7.91 -10.88
C GLY A 1 1.23 -6.98 -10.23
N TYR A 2 1.95 -7.49 -9.24
CA TYR A 2 2.94 -6.68 -8.52
C TYR A 2 2.32 -5.39 -8.01
N CYS A 3 1.76 -5.45 -6.80
CA CYS A 3 1.13 -4.29 -6.18
C CYS A 3 2.07 -3.64 -5.17
N ALA A 4 1.57 -2.63 -4.48
CA ALA A 4 2.35 -1.92 -3.47
C ALA A 4 2.31 -2.65 -2.13
N THR A 5 3.42 -3.29 -1.77
CA THR A 5 3.51 -4.02 -0.51
C THR A 5 3.85 -3.09 0.64
N LYS A 6 3.77 -3.63 1.85
CA LYS A 6 4.08 -2.84 3.05
C LYS A 6 5.39 -2.08 2.88
N GLY A 7 5.39 -0.82 3.27
CA GLY A 7 6.58 0.00 3.16
C GLY A 7 6.67 0.73 1.84
N ILE A 8 5.87 0.29 0.87
CA ILE A 8 5.86 0.90 -0.45
C ILE A 8 4.85 2.04 -0.52
N LYS A 9 5.34 3.24 -0.80
CA LYS A 9 4.48 4.42 -0.91
C LYS A 9 3.33 4.16 -1.87
N CYS A 10 2.15 4.62 -1.49
CA CYS A 10 0.95 4.45 -2.31
C CYS A 10 0.35 5.81 -2.69
N ASN A 11 1.15 6.64 -3.35
CA ASN A 11 0.69 7.97 -3.76
C ASN A 11 -0.14 7.88 -5.04
N ASP A 12 0.10 6.83 -5.83
CA ASP A 12 -0.63 6.64 -7.07
C ASP A 12 -0.74 5.15 -7.40
N ILE A 13 -0.55 4.31 -6.39
CA ILE A 13 -0.64 2.87 -6.58
C ILE A 13 -1.35 2.20 -5.40
N HIS A 14 -2.15 1.18 -5.70
CA HIS A 14 -2.87 0.45 -4.67
C HIS A 14 -2.12 -0.79 -4.22
N CYS A 15 -2.43 -1.28 -3.03
CA CYS A 15 -1.78 -2.46 -2.48
C CYS A 15 -2.53 -3.72 -2.88
N CYS A 16 -1.81 -4.85 -2.88
CA CYS A 16 -2.42 -6.13 -3.23
C CYS A 16 -3.51 -6.50 -2.24
N SER A 17 -4.47 -7.30 -2.71
CA SER A 17 -5.57 -7.73 -1.85
C SER A 17 -5.06 -8.32 -0.54
N GLY A 18 -5.17 -7.55 0.53
CA GLY A 18 -4.71 -8.00 1.83
C GLY A 18 -3.97 -6.93 2.59
N LEU A 19 -3.63 -5.83 1.91
CA LEU A 19 -2.92 -4.73 2.53
C LEU A 19 -3.74 -3.45 2.48
N LYS A 20 -3.40 -2.49 3.34
CA LYS A 20 -4.10 -1.22 3.39
C LYS A 20 -3.16 -0.06 3.11
N CYS A 21 -3.59 0.84 2.23
CA CYS A 21 -2.78 2.00 1.85
C CYS A 21 -2.95 3.12 2.87
N ASP A 22 -2.01 3.22 3.80
CA ASP A 22 -2.06 4.25 4.83
C ASP A 22 -2.05 5.65 4.21
N SER A 23 -3.21 6.30 4.22
CA SER A 23 -3.34 7.63 3.65
C SER A 23 -2.65 8.67 4.54
N LYS A 24 -2.31 8.26 5.75
CA LYS A 24 -1.64 9.15 6.69
C LYS A 24 -0.13 9.18 6.45
N ARG A 25 0.45 8.00 6.25
CA ARG A 25 1.88 7.89 6.01
C ARG A 25 2.17 7.70 4.52
N LYS A 26 1.12 7.74 3.71
CA LYS A 26 1.25 7.56 2.27
C LYS A 26 2.04 6.29 1.94
N VAL A 27 1.75 5.22 2.68
CA VAL A 27 2.42 3.95 2.47
C VAL A 27 1.51 2.78 2.83
N CYS A 28 1.72 1.65 2.17
CA CYS A 28 0.92 0.45 2.41
C CYS A 28 1.33 -0.21 3.72
N VAL A 29 0.41 -0.97 4.32
CA VAL A 29 0.68 -1.66 5.57
C VAL A 29 -0.14 -2.94 5.68
N LYS A 30 0.09 -3.69 6.74
CA LYS A 30 -0.63 -4.95 6.96
C LYS A 30 -2.13 -4.73 6.87
N GLY A 31 -2.85 -5.77 6.46
CA GLY A 31 -4.30 -5.68 6.34
C GLY A 31 -5.00 -6.94 6.80
N GLY A 1 -0.65 -8.87 -8.46
CA GLY A 1 0.62 -9.40 -7.96
C GLY A 1 1.68 -8.33 -7.86
N TYR A 2 1.89 -7.59 -8.95
CA TYR A 2 2.89 -6.54 -8.98
C TYR A 2 2.34 -5.23 -8.42
N CYS A 3 1.80 -5.30 -7.21
CA CYS A 3 1.22 -4.13 -6.57
C CYS A 3 2.19 -3.53 -5.55
N ALA A 4 1.71 -2.57 -4.78
CA ALA A 4 2.54 -1.93 -3.76
C ALA A 4 2.46 -2.67 -2.43
N THR A 5 3.55 -3.33 -2.06
CA THR A 5 3.60 -4.09 -0.81
C THR A 5 3.95 -3.19 0.36
N LYS A 6 3.91 -3.75 1.56
CA LYS A 6 4.23 -3.00 2.77
C LYS A 6 5.51 -2.19 2.60
N GLY A 7 5.46 -0.92 2.99
CA GLY A 7 6.63 -0.07 2.86
C GLY A 7 6.63 0.74 1.58
N ILE A 8 5.88 0.27 0.59
CA ILE A 8 5.79 0.96 -0.69
C ILE A 8 4.72 2.05 -0.65
N LYS A 9 5.09 3.23 -1.13
CA LYS A 9 4.17 4.36 -1.14
C LYS A 9 2.85 3.98 -1.82
N CYS A 10 1.74 4.46 -1.26
CA CYS A 10 0.42 4.16 -1.79
C CYS A 10 -0.30 5.45 -2.23
N ASN A 11 0.46 6.54 -2.30
CA ASN A 11 -0.10 7.83 -2.69
C ASN A 11 -0.67 7.77 -4.11
N ASP A 12 -0.02 6.96 -4.95
CA ASP A 12 -0.47 6.80 -6.33
C ASP A 12 -0.83 5.35 -6.63
N ILE A 13 0.16 4.46 -6.50
CA ILE A 13 -0.06 3.05 -6.75
C ILE A 13 -0.85 2.40 -5.62
N HIS A 14 -1.67 1.40 -5.97
CA HIS A 14 -2.48 0.70 -4.98
C HIS A 14 -1.78 -0.57 -4.53
N CYS A 15 -2.15 -1.05 -3.34
CA CYS A 15 -1.57 -2.27 -2.78
C CYS A 15 -2.36 -3.49 -3.20
N CYS A 16 -1.70 -4.65 -3.23
CA CYS A 16 -2.36 -5.90 -3.61
C CYS A 16 -3.45 -6.26 -2.61
N SER A 17 -4.43 -7.02 -3.07
CA SER A 17 -5.54 -7.45 -2.22
C SER A 17 -5.03 -8.07 -0.93
N GLY A 18 -5.26 -7.37 0.18
CA GLY A 18 -4.82 -7.88 1.47
C GLY A 18 -4.08 -6.82 2.28
N LEU A 19 -3.62 -5.78 1.61
CA LEU A 19 -2.90 -4.69 2.26
C LEU A 19 -3.72 -3.41 2.28
N LYS A 20 -3.44 -2.53 3.24
CA LYS A 20 -4.15 -1.27 3.35
C LYS A 20 -3.28 -0.10 2.90
N CYS A 21 -3.92 0.92 2.33
CA CYS A 21 -3.19 2.10 1.85
C CYS A 21 -3.20 3.20 2.90
N ASP A 22 -2.16 3.23 3.72
CA ASP A 22 -2.03 4.24 4.77
C ASP A 22 -2.03 5.64 4.17
N SER A 23 -3.17 6.32 4.25
CA SER A 23 -3.29 7.67 3.71
C SER A 23 -2.57 8.68 4.61
N LYS A 24 -2.20 8.24 5.81
CA LYS A 24 -1.50 9.10 6.75
C LYS A 24 0.00 9.09 6.49
N ARG A 25 0.54 7.90 6.23
CA ARG A 25 1.97 7.76 5.97
C ARG A 25 2.23 7.62 4.47
N LYS A 26 1.17 7.70 3.68
CA LYS A 26 1.28 7.58 2.23
C LYS A 26 2.04 6.31 1.85
N VAL A 27 1.72 5.21 2.52
CA VAL A 27 2.38 3.94 2.24
C VAL A 27 1.44 2.77 2.53
N CYS A 28 1.80 1.59 2.04
CA CYS A 28 1.00 0.39 2.25
C CYS A 28 1.36 -0.28 3.58
N VAL A 29 0.34 -0.76 4.27
CA VAL A 29 0.54 -1.42 5.56
C VAL A 29 -0.15 -2.78 5.59
N LYS A 30 0.13 -3.56 6.62
CA LYS A 30 -0.46 -4.89 6.78
C LYS A 30 -1.98 -4.78 6.88
N GLY A 31 -2.67 -5.78 6.35
CA GLY A 31 -4.12 -5.80 6.41
C GLY A 31 -4.69 -7.19 6.32
N GLY A 1 0.66 -9.48 -7.65
CA GLY A 1 0.00 -8.73 -8.70
C GLY A 1 0.75 -7.48 -9.10
N TYR A 2 2.07 -7.49 -8.88
CA TYR A 2 2.91 -6.35 -9.21
C TYR A 2 2.35 -5.06 -8.61
N CYS A 3 1.82 -5.18 -7.39
CA CYS A 3 1.25 -4.03 -6.70
C CYS A 3 2.23 -3.46 -5.68
N ALA A 4 1.76 -2.54 -4.85
CA ALA A 4 2.59 -1.93 -3.83
C ALA A 4 2.51 -2.69 -2.52
N THR A 5 3.60 -3.35 -2.15
CA THR A 5 3.65 -4.12 -0.92
C THR A 5 3.98 -3.24 0.28
N LYS A 6 3.93 -3.82 1.47
CA LYS A 6 4.23 -3.08 2.70
C LYS A 6 5.50 -2.26 2.53
N GLY A 7 5.46 -1.00 2.98
CA GLY A 7 6.61 -0.14 2.88
C GLY A 7 6.62 0.69 1.61
N ILE A 8 5.89 0.23 0.60
CA ILE A 8 5.81 0.93 -0.67
C ILE A 8 4.74 2.00 -0.64
N LYS A 9 5.09 3.20 -1.10
CA LYS A 9 4.15 4.32 -1.11
C LYS A 9 2.84 3.92 -1.79
N CYS A 10 1.73 4.40 -1.25
CA CYS A 10 0.42 4.09 -1.80
C CYS A 10 -0.31 5.36 -2.23
N ASN A 11 0.43 6.47 -2.27
CA ASN A 11 -0.14 7.76 -2.67
C ASN A 11 -0.63 7.71 -4.11
N ASP A 12 0.07 6.95 -4.95
CA ASP A 12 -0.29 6.82 -6.35
C ASP A 12 -0.68 5.39 -6.68
N ILE A 13 0.28 4.48 -6.54
CA ILE A 13 0.05 3.06 -6.83
C ILE A 13 -0.76 2.41 -5.71
N HIS A 14 -1.57 1.42 -6.08
CA HIS A 14 -2.40 0.71 -5.11
C HIS A 14 -1.70 -0.57 -4.64
N CYS A 15 -2.09 -1.05 -3.46
CA CYS A 15 -1.50 -2.27 -2.90
C CYS A 15 -2.30 -3.49 -3.32
N CYS A 16 -1.63 -4.64 -3.36
CA CYS A 16 -2.27 -5.89 -3.74
C CYS A 16 -3.34 -6.29 -2.73
N SER A 17 -4.30 -7.09 -3.18
CA SER A 17 -5.38 -7.53 -2.31
C SER A 17 -4.84 -8.13 -1.02
N GLY A 18 -5.24 -7.55 0.11
CA GLY A 18 -4.78 -8.03 1.40
C GLY A 18 -4.06 -6.95 2.19
N LEU A 19 -3.59 -5.92 1.50
CA LEU A 19 -2.86 -4.83 2.14
C LEU A 19 -3.71 -3.56 2.17
N LYS A 20 -3.41 -2.67 3.11
CA LYS A 20 -4.14 -1.42 3.24
C LYS A 20 -3.27 -0.24 2.82
N CYS A 21 -3.91 0.78 2.25
CA CYS A 21 -3.21 1.97 1.79
C CYS A 21 -3.24 3.06 2.85
N ASP A 22 -2.19 3.10 3.68
CA ASP A 22 -2.10 4.09 4.74
C ASP A 22 -2.09 5.50 4.16
N SER A 23 -3.24 6.18 4.24
CA SER A 23 -3.36 7.53 3.71
C SER A 23 -2.66 8.53 4.63
N LYS A 24 -2.30 8.07 5.82
CA LYS A 24 -1.61 8.94 6.79
C LYS A 24 -0.11 8.93 6.54
N ARG A 25 0.45 7.76 6.27
CA ARG A 25 1.87 7.62 6.01
C ARG A 25 2.15 7.50 4.52
N LYS A 26 1.10 7.58 3.72
CA LYS A 26 1.21 7.48 2.27
C LYS A 26 1.99 6.23 1.87
N VAL A 27 1.67 5.11 2.53
CA VAL A 27 2.34 3.85 2.26
C VAL A 27 1.41 2.67 2.53
N CYS A 28 1.79 1.49 2.02
CA CYS A 28 0.99 0.29 2.22
C CYS A 28 1.34 -0.39 3.54
N VAL A 29 0.32 -0.90 4.21
CA VAL A 29 0.52 -1.57 5.50
C VAL A 29 -0.44 -2.75 5.65
N LYS A 30 0.03 -3.80 6.30
CA LYS A 30 -0.78 -5.00 6.51
C LYS A 30 -1.79 -4.76 7.63
N GLY A 31 -3.04 -4.48 7.24
CA GLY A 31 -4.08 -4.24 8.23
C GLY A 31 -4.87 -5.50 8.56
N GLY A 1 0.32 -7.50 -12.66
CA GLY A 1 0.31 -7.66 -11.21
C GLY A 1 1.30 -6.76 -10.52
N TYR A 2 1.97 -7.30 -9.50
CA TYR A 2 2.95 -6.53 -8.75
C TYR A 2 2.33 -5.26 -8.17
N CYS A 3 1.81 -5.37 -6.96
CA CYS A 3 1.18 -4.23 -6.29
C CYS A 3 2.14 -3.61 -5.27
N ALA A 4 1.63 -2.64 -4.52
CA ALA A 4 2.44 -1.96 -3.51
C ALA A 4 2.39 -2.70 -2.18
N THR A 5 3.50 -3.34 -1.83
CA THR A 5 3.59 -4.09 -0.57
C THR A 5 3.92 -3.17 0.60
N LYS A 6 3.84 -3.71 1.81
CA LYS A 6 4.13 -2.94 3.00
C LYS A 6 5.44 -2.17 2.85
N GLY A 7 5.42 -0.90 3.26
CA GLY A 7 6.62 -0.07 3.16
C GLY A 7 6.69 0.67 1.84
N ILE A 8 5.89 0.23 0.87
CA ILE A 8 5.87 0.86 -0.45
C ILE A 8 4.85 1.99 -0.50
N LYS A 9 5.32 3.19 -0.85
CA LYS A 9 4.46 4.36 -0.94
C LYS A 9 3.31 4.09 -1.90
N CYS A 10 2.11 4.55 -1.53
CA CYS A 10 0.93 4.37 -2.36
C CYS A 10 0.32 5.72 -2.74
N ASN A 11 1.14 6.58 -3.32
CA ASN A 11 0.68 7.91 -3.73
C ASN A 11 -0.08 7.84 -5.06
N ASP A 12 0.20 6.80 -5.84
CA ASP A 12 -0.45 6.62 -7.12
C ASP A 12 -0.55 5.15 -7.48
N ILE A 13 -0.42 4.29 -6.47
CA ILE A 13 -0.49 2.84 -6.68
C ILE A 13 -1.25 2.17 -5.53
N HIS A 14 -2.01 1.13 -5.86
CA HIS A 14 -2.78 0.40 -4.87
C HIS A 14 -2.02 -0.83 -4.39
N CYS A 15 -2.34 -1.29 -3.19
CA CYS A 15 -1.69 -2.47 -2.61
C CYS A 15 -2.43 -3.74 -2.97
N CYS A 16 -1.72 -4.86 -2.99
CA CYS A 16 -2.31 -6.14 -3.31
C CYS A 16 -3.36 -6.55 -2.30
N SER A 17 -4.30 -7.38 -2.72
CA SER A 17 -5.37 -7.83 -1.84
C SER A 17 -4.82 -8.35 -0.52
N GLY A 18 -5.19 -7.69 0.57
CA GLY A 18 -4.71 -8.11 1.88
C GLY A 18 -3.97 -7.00 2.60
N LEU A 19 -3.61 -5.96 1.87
CA LEU A 19 -2.90 -4.83 2.45
C LEU A 19 -3.74 -3.56 2.40
N LYS A 20 -3.40 -2.58 3.24
CA LYS A 20 -4.12 -1.32 3.29
C LYS A 20 -3.19 -0.15 2.99
N CYS A 21 -3.64 0.75 2.12
CA CYS A 21 -2.85 1.92 1.75
C CYS A 21 -3.02 3.04 2.77
N ASP A 22 -2.11 3.11 3.73
CA ASP A 22 -2.17 4.13 4.77
C ASP A 22 -2.14 5.53 4.15
N SER A 23 -3.29 6.19 4.15
CA SER A 23 -3.40 7.53 3.59
C SER A 23 -2.73 8.56 4.48
N LYS A 24 -2.40 8.13 5.70
CA LYS A 24 -1.75 9.01 6.66
C LYS A 24 -0.24 9.05 6.43
N ARG A 25 0.35 7.87 6.23
CA ARG A 25 1.78 7.77 6.00
C ARG A 25 2.09 7.57 4.51
N LYS A 26 1.04 7.62 3.70
CA LYS A 26 1.18 7.45 2.25
C LYS A 26 1.97 6.18 1.93
N VAL A 27 1.68 5.11 2.66
CA VAL A 27 2.35 3.84 2.45
C VAL A 27 1.44 2.67 2.81
N CYS A 28 1.68 1.52 2.19
CA CYS A 28 0.88 0.33 2.44
C CYS A 28 1.30 -0.33 3.74
N VAL A 29 0.35 -0.96 4.42
CA VAL A 29 0.61 -1.64 5.69
C VAL A 29 -0.34 -2.81 5.89
N LYS A 30 0.05 -3.73 6.76
CA LYS A 30 -0.77 -4.90 7.06
C LYS A 30 -1.97 -4.53 7.92
N GLY A 31 -3.16 -4.96 7.49
CA GLY A 31 -4.36 -4.67 8.23
C GLY A 31 -5.23 -5.89 8.43
N GLY A 1 0.32 -9.96 -10.98
CA GLY A 1 1.30 -8.99 -11.43
C GLY A 1 2.24 -8.56 -10.33
N TYR A 2 2.09 -7.33 -9.85
CA TYR A 2 2.94 -6.80 -8.79
C TYR A 2 2.39 -5.47 -8.28
N CYS A 3 1.84 -5.50 -7.07
CA CYS A 3 1.29 -4.29 -6.45
C CYS A 3 2.26 -3.70 -5.45
N ALA A 4 1.80 -2.71 -4.69
CA ALA A 4 2.62 -2.06 -3.69
C ALA A 4 2.51 -2.75 -2.34
N THR A 5 3.57 -3.44 -1.93
CA THR A 5 3.58 -4.15 -0.67
C THR A 5 3.95 -3.22 0.49
N LYS A 6 3.90 -3.74 1.71
CA LYS A 6 4.23 -2.96 2.89
C LYS A 6 5.52 -2.18 2.69
N GLY A 7 5.47 -0.89 2.99
CA GLY A 7 6.64 -0.05 2.84
C GLY A 7 6.63 0.74 1.55
N ILE A 8 5.79 0.31 0.60
CA ILE A 8 5.68 0.99 -0.68
C ILE A 8 4.60 2.06 -0.66
N LYS A 9 4.89 3.21 -1.25
CA LYS A 9 3.94 4.31 -1.30
C LYS A 9 2.58 3.84 -1.82
N CYS A 10 1.52 4.38 -1.26
CA CYS A 10 0.17 4.02 -1.67
C CYS A 10 -0.62 5.25 -2.12
N ASN A 11 0.09 6.36 -2.29
CA ASN A 11 -0.54 7.61 -2.72
C ASN A 11 -0.79 7.60 -4.22
N ASP A 12 0.07 6.91 -4.96
CA ASP A 12 -0.06 6.82 -6.41
C ASP A 12 -0.42 5.40 -6.85
N ILE A 13 0.36 4.44 -6.37
CA ILE A 13 0.12 3.04 -6.70
C ILE A 13 -0.75 2.36 -5.66
N HIS A 14 -1.52 1.36 -6.10
CA HIS A 14 -2.40 0.64 -5.20
C HIS A 14 -1.72 -0.63 -4.68
N CYS A 15 -2.10 -1.05 -3.47
CA CYS A 15 -1.54 -2.25 -2.86
C CYS A 15 -2.34 -3.49 -3.23
N CYS A 16 -1.70 -4.65 -3.16
CA CYS A 16 -2.36 -5.90 -3.48
C CYS A 16 -3.47 -6.21 -2.48
N SER A 17 -4.47 -6.96 -2.92
CA SER A 17 -5.59 -7.33 -2.07
C SER A 17 -5.10 -7.93 -0.76
N GLY A 18 -5.40 -7.27 0.35
CA GLY A 18 -4.99 -7.76 1.65
C GLY A 18 -4.23 -6.71 2.45
N LEU A 19 -3.67 -5.73 1.75
CA LEU A 19 -2.92 -4.67 2.40
C LEU A 19 -3.72 -3.37 2.43
N LYS A 20 -3.51 -2.57 3.46
CA LYS A 20 -4.20 -1.29 3.61
C LYS A 20 -3.34 -0.14 3.13
N CYS A 21 -3.98 0.88 2.57
CA CYS A 21 -3.27 2.05 2.07
C CYS A 21 -3.23 3.16 3.11
N ASP A 22 -2.14 3.22 3.87
CA ASP A 22 -1.98 4.23 4.91
C ASP A 22 -2.01 5.64 4.31
N SER A 23 -3.15 6.30 4.44
CA SER A 23 -3.30 7.65 3.90
C SER A 23 -2.55 8.67 4.74
N LYS A 24 -2.12 8.24 5.93
CA LYS A 24 -1.39 9.10 6.85
C LYS A 24 0.10 9.09 6.51
N ARG A 25 0.64 7.92 6.24
CA ARG A 25 2.06 7.78 5.90
C ARG A 25 2.25 7.63 4.39
N LYS A 26 1.15 7.70 3.66
CA LYS A 26 1.20 7.57 2.20
C LYS A 26 1.94 6.32 1.79
N VAL A 27 1.66 5.21 2.48
CA VAL A 27 2.31 3.94 2.17
C VAL A 27 1.40 2.77 2.52
N CYS A 28 1.74 1.59 2.00
CA CYS A 28 0.95 0.39 2.25
C CYS A 28 1.35 -0.27 3.56
N VAL A 29 0.37 -0.79 4.28
CA VAL A 29 0.61 -1.45 5.56
C VAL A 29 -0.23 -2.71 5.70
N LYS A 30 0.07 -3.50 6.74
CA LYS A 30 -0.66 -4.73 6.99
C LYS A 30 -2.07 -4.44 7.49
N GLY A 31 -3.02 -5.27 7.06
CA GLY A 31 -4.40 -5.08 7.48
C GLY A 31 -4.85 -6.14 8.47
N GLY A 1 0.09 -9.04 -11.44
CA GLY A 1 1.43 -8.57 -11.72
C GLY A 1 2.21 -8.26 -10.46
N TYR A 2 2.11 -7.02 -10.00
CA TYR A 2 2.82 -6.60 -8.79
C TYR A 2 2.23 -5.30 -8.25
N CYS A 3 1.68 -5.36 -7.03
CA CYS A 3 1.09 -4.19 -6.41
C CYS A 3 2.05 -3.58 -5.40
N ALA A 4 1.54 -2.61 -4.61
CA ALA A 4 2.35 -1.95 -3.60
C ALA A 4 2.31 -2.70 -2.28
N THR A 5 3.43 -3.33 -1.93
CA THR A 5 3.51 -4.10 -0.68
C THR A 5 3.85 -3.19 0.49
N LYS A 6 3.79 -3.74 1.71
CA LYS A 6 4.08 -2.98 2.91
C LYS A 6 5.39 -2.22 2.76
N GLY A 7 5.42 -0.97 3.23
CA GLY A 7 6.62 -0.16 3.15
C GLY A 7 6.74 0.54 1.81
N ILE A 8 5.83 0.22 0.89
CA ILE A 8 5.85 0.83 -0.43
C ILE A 8 4.85 1.99 -0.51
N LYS A 9 5.32 3.12 -1.01
CA LYS A 9 4.48 4.30 -1.15
C LYS A 9 3.23 3.99 -1.96
N CYS A 10 2.08 4.46 -1.49
CA CYS A 10 0.81 4.23 -2.18
C CYS A 10 0.13 5.55 -2.52
N ASN A 11 0.93 6.60 -2.69
CA ASN A 11 0.40 7.92 -3.02
C ASN A 11 -0.42 7.87 -4.30
N ASP A 12 -0.17 6.87 -5.13
CA ASP A 12 -0.88 6.70 -6.39
C ASP A 12 -1.18 5.23 -6.66
N ILE A 13 -0.20 4.37 -6.39
CA ILE A 13 -0.36 2.94 -6.61
C ILE A 13 -1.11 2.29 -5.45
N HIS A 14 -1.93 1.29 -5.76
CA HIS A 14 -2.70 0.59 -4.74
C HIS A 14 -1.97 -0.68 -4.30
N CYS A 15 -2.32 -1.17 -3.11
CA CYS A 15 -1.70 -2.38 -2.57
C CYS A 15 -2.49 -3.62 -2.98
N CYS A 16 -1.80 -4.75 -3.04
CA CYS A 16 -2.44 -6.01 -3.42
C CYS A 16 -3.52 -6.39 -2.42
N SER A 17 -4.51 -7.15 -2.89
CA SER A 17 -5.62 -7.58 -2.05
C SER A 17 -5.10 -8.21 -0.76
N GLY A 18 -5.26 -7.49 0.35
CA GLY A 18 -4.79 -7.99 1.64
C GLY A 18 -4.04 -6.95 2.43
N LEU A 19 -3.65 -5.87 1.76
CA LEU A 19 -2.92 -4.79 2.42
C LEU A 19 -3.73 -3.50 2.43
N LYS A 20 -3.40 -2.60 3.35
CA LYS A 20 -4.09 -1.33 3.46
C LYS A 20 -3.18 -0.16 3.08
N CYS A 21 -3.69 0.74 2.26
CA CYS A 21 -2.93 1.90 1.83
C CYS A 21 -3.07 3.05 2.81
N ASP A 22 -2.11 3.19 3.71
CA ASP A 22 -2.13 4.25 4.71
C ASP A 22 -2.08 5.62 4.05
N SER A 23 -3.21 6.30 4.01
CA SER A 23 -3.29 7.62 3.39
C SER A 23 -2.62 8.67 4.27
N LYS A 24 -2.33 8.29 5.51
CA LYS A 24 -1.69 9.20 6.45
C LYS A 24 -0.17 9.18 6.27
N ARG A 25 0.38 7.99 6.09
CA ARG A 25 1.82 7.84 5.91
C ARG A 25 2.17 7.64 4.44
N LYS A 26 1.14 7.68 3.58
CA LYS A 26 1.33 7.50 2.15
C LYS A 26 2.09 6.22 1.85
N VAL A 27 1.78 5.16 2.59
CA VAL A 27 2.42 3.87 2.41
C VAL A 27 1.49 2.73 2.80
N CYS A 28 1.78 1.54 2.29
CA CYS A 28 0.97 0.35 2.59
C CYS A 28 1.37 -0.25 3.93
N VAL A 29 0.38 -0.77 4.66
CA VAL A 29 0.62 -1.38 5.96
C VAL A 29 -0.18 -2.66 6.12
N LYS A 30 0.15 -3.43 7.16
CA LYS A 30 -0.55 -4.68 7.43
C LYS A 30 -2.07 -4.47 7.47
N GLY A 31 -2.81 -5.39 6.87
CA GLY A 31 -4.25 -5.29 6.85
C GLY A 31 -4.90 -6.01 8.02
N GLY A 1 -0.82 -7.41 -11.49
CA GLY A 1 0.36 -8.13 -11.03
C GLY A 1 1.39 -7.22 -10.40
N TYR A 2 2.07 -7.71 -9.38
CA TYR A 2 3.09 -6.93 -8.69
C TYR A 2 2.51 -5.62 -8.18
N CYS A 3 1.95 -5.63 -6.98
CA CYS A 3 1.37 -4.45 -6.38
C CYS A 3 2.32 -3.82 -5.37
N ALA A 4 1.84 -2.81 -4.65
CA ALA A 4 2.65 -2.13 -3.65
C ALA A 4 2.56 -2.83 -2.30
N THR A 5 3.65 -3.46 -1.90
CA THR A 5 3.69 -4.16 -0.62
C THR A 5 4.01 -3.22 0.53
N LYS A 6 3.96 -3.73 1.75
CA LYS A 6 4.25 -2.93 2.93
C LYS A 6 5.54 -2.13 2.75
N GLY A 7 5.51 -0.87 3.17
CA GLY A 7 6.68 -0.03 3.03
C GLY A 7 6.70 0.75 1.73
N ILE A 8 5.90 0.29 0.76
CA ILE A 8 5.84 0.93 -0.53
C ILE A 8 4.78 2.02 -0.56
N LYS A 9 5.16 3.20 -1.05
CA LYS A 9 4.24 4.33 -1.12
C LYS A 9 2.94 3.93 -1.81
N CYS A 10 1.82 4.44 -1.30
CA CYS A 10 0.51 4.14 -1.87
C CYS A 10 -0.21 5.41 -2.28
N ASN A 11 0.54 6.51 -2.36
CA ASN A 11 -0.03 7.80 -2.74
C ASN A 11 -0.64 7.73 -4.14
N ASP A 12 -0.21 6.74 -4.92
CA ASP A 12 -0.71 6.57 -6.27
C ASP A 12 -0.97 5.09 -6.57
N ILE A 13 0.05 4.26 -6.37
CA ILE A 13 -0.07 2.83 -6.61
C ILE A 13 -0.88 2.15 -5.50
N HIS A 14 -1.65 1.14 -5.89
CA HIS A 14 -2.47 0.40 -4.93
C HIS A 14 -1.75 -0.85 -4.45
N CYS A 15 -2.10 -1.30 -3.25
CA CYS A 15 -1.49 -2.50 -2.67
C CYS A 15 -2.27 -3.75 -3.05
N CYS A 16 -1.58 -4.89 -3.04
CA CYS A 16 -2.21 -6.16 -3.38
C CYS A 16 -3.31 -6.51 -2.39
N SER A 17 -4.28 -7.31 -2.84
CA SER A 17 -5.39 -7.72 -1.99
C SER A 17 -4.88 -8.29 -0.66
N GLY A 18 -5.10 -7.54 0.41
CA GLY A 18 -4.66 -7.98 1.73
C GLY A 18 -3.94 -6.89 2.50
N LEU A 19 -3.52 -5.85 1.79
CA LEU A 19 -2.81 -4.74 2.41
C LEU A 19 -3.65 -3.47 2.36
N LYS A 20 -3.40 -2.55 3.29
CA LYS A 20 -4.13 -1.29 3.35
C LYS A 20 -3.25 -0.14 2.89
N CYS A 21 -3.87 0.87 2.29
CA CYS A 21 -3.14 2.04 1.81
C CYS A 21 -3.16 3.16 2.84
N ASP A 22 -2.13 3.21 3.67
CA ASP A 22 -2.03 4.23 4.71
C ASP A 22 -2.04 5.62 4.09
N SER A 23 -3.20 6.29 4.17
CA SER A 23 -3.33 7.63 3.61
C SER A 23 -2.63 8.66 4.49
N LYS A 24 -2.27 8.25 5.70
CA LYS A 24 -1.58 9.13 6.63
C LYS A 24 -0.08 9.14 6.39
N ARG A 25 0.48 7.96 6.15
CA ARG A 25 1.91 7.82 5.91
C ARG A 25 2.18 7.67 4.40
N LYS A 26 1.13 7.71 3.61
CA LYS A 26 1.25 7.57 2.16
C LYS A 26 2.04 6.32 1.80
N VAL A 27 1.72 5.21 2.48
CA VAL A 27 2.40 3.94 2.24
C VAL A 27 1.48 2.76 2.52
N CYS A 28 1.86 1.59 2.02
CA CYS A 28 1.07 0.38 2.22
C CYS A 28 1.40 -0.27 3.58
N VAL A 29 0.38 -0.82 4.22
CA VAL A 29 0.55 -1.47 5.51
C VAL A 29 -0.31 -2.72 5.62
N LYS A 30 -0.15 -3.44 6.73
CA LYS A 30 -0.92 -4.66 6.96
C LYS A 30 -2.35 -4.34 7.39
N GLY A 31 -3.32 -5.01 6.76
CA GLY A 31 -4.71 -4.78 7.10
C GLY A 31 -5.20 -5.67 8.21
N GLY A 1 2.26 -8.98 -12.84
CA GLY A 1 1.37 -8.71 -11.73
C GLY A 1 2.13 -8.42 -10.45
N TYR A 2 2.06 -7.17 -10.00
CA TYR A 2 2.74 -6.76 -8.78
C TYR A 2 2.18 -5.45 -8.24
N CYS A 3 1.64 -5.51 -7.03
CA CYS A 3 1.05 -4.33 -6.39
C CYS A 3 2.03 -3.71 -5.39
N ALA A 4 1.55 -2.72 -4.65
CA ALA A 4 2.38 -2.04 -3.65
C ALA A 4 2.32 -2.77 -2.31
N THR A 5 3.42 -3.42 -1.95
CA THR A 5 3.51 -4.16 -0.70
C THR A 5 3.86 -3.23 0.46
N LYS A 6 3.81 -3.76 1.68
CA LYS A 6 4.13 -2.99 2.87
C LYS A 6 5.44 -2.22 2.68
N GLY A 7 5.44 -0.97 3.12
CA GLY A 7 6.63 -0.14 2.99
C GLY A 7 6.68 0.60 1.67
N ILE A 8 5.83 0.20 0.73
CA ILE A 8 5.79 0.84 -0.58
C ILE A 8 4.76 1.96 -0.61
N LYS A 9 5.19 3.14 -1.05
CA LYS A 9 4.32 4.30 -1.14
C LYS A 9 3.04 3.95 -1.89
N CYS A 10 1.91 4.47 -1.40
CA CYS A 10 0.62 4.23 -2.03
C CYS A 10 -0.06 5.54 -2.40
N ASN A 11 0.74 6.58 -2.57
CA ASN A 11 0.21 7.90 -2.93
C ASN A 11 -0.60 7.81 -4.23
N ASP A 12 -0.31 6.81 -5.05
CA ASP A 12 -1.01 6.62 -6.30
C ASP A 12 -1.27 5.14 -6.57
N ILE A 13 -0.23 4.33 -6.37
CA ILE A 13 -0.34 2.89 -6.58
C ILE A 13 -1.13 2.21 -5.46
N HIS A 14 -1.91 1.21 -5.82
CA HIS A 14 -2.72 0.49 -4.84
C HIS A 14 -1.99 -0.78 -4.37
N CYS A 15 -2.33 -1.23 -3.17
CA CYS A 15 -1.71 -2.42 -2.61
C CYS A 15 -2.51 -3.67 -2.98
N CYS A 16 -1.83 -4.82 -3.02
CA CYS A 16 -2.47 -6.08 -3.37
C CYS A 16 -3.55 -6.44 -2.35
N SER A 17 -4.54 -7.21 -2.80
CA SER A 17 -5.64 -7.62 -1.92
C SER A 17 -5.10 -8.21 -0.62
N GLY A 18 -5.26 -7.47 0.47
CA GLY A 18 -4.79 -7.94 1.76
C GLY A 18 -4.03 -6.88 2.52
N LEU A 19 -3.64 -5.81 1.82
CA LEU A 19 -2.89 -4.72 2.44
C LEU A 19 -3.69 -3.43 2.39
N LYS A 20 -3.44 -2.55 3.36
CA LYS A 20 -4.15 -1.27 3.44
C LYS A 20 -3.23 -0.13 3.02
N CYS A 21 -3.81 0.88 2.37
CA CYS A 21 -3.05 2.04 1.92
C CYS A 21 -3.11 3.16 2.93
N ASP A 22 -2.09 3.24 3.78
CA ASP A 22 -2.02 4.28 4.81
C ASP A 22 -1.99 5.67 4.18
N SER A 23 -3.12 6.36 4.21
CA SER A 23 -3.22 7.70 3.64
C SER A 23 -2.50 8.71 4.52
N LYS A 24 -2.16 8.30 5.73
CA LYS A 24 -1.47 9.18 6.67
C LYS A 24 0.04 9.16 6.42
N ARG A 25 0.58 7.96 6.20
CA ARG A 25 2.01 7.80 5.95
C ARG A 25 2.28 7.63 4.47
N LYS A 26 1.23 7.70 3.65
CA LYS A 26 1.36 7.55 2.21
C LYS A 26 2.10 6.27 1.86
N VAL A 27 1.79 5.18 2.57
CA VAL A 27 2.43 3.90 2.33
C VAL A 27 1.50 2.75 2.69
N CYS A 28 1.81 1.56 2.19
CA CYS A 28 1.00 0.37 2.46
C CYS A 28 1.37 -0.25 3.80
N VAL A 29 0.36 -0.71 4.52
CA VAL A 29 0.58 -1.32 5.83
C VAL A 29 -0.23 -2.61 5.97
N LYS A 30 0.07 -3.38 7.01
CA LYS A 30 -0.63 -4.64 7.25
C LYS A 30 -2.04 -4.38 7.79
N GLY A 31 -3.03 -5.00 7.15
CA GLY A 31 -4.41 -4.82 7.57
C GLY A 31 -5.36 -5.74 6.82
N GLY A 1 0.67 -9.07 -11.88
CA GLY A 1 0.14 -8.19 -10.86
C GLY A 1 1.18 -7.26 -10.29
N TYR A 2 1.93 -7.74 -9.30
CA TYR A 2 2.97 -6.94 -8.67
C TYR A 2 2.41 -5.61 -8.16
N CYS A 3 1.85 -5.63 -6.95
CA CYS A 3 1.28 -4.44 -6.36
C CYS A 3 2.25 -3.80 -5.36
N ALA A 4 1.77 -2.80 -4.64
CA ALA A 4 2.59 -2.11 -3.65
C ALA A 4 2.52 -2.80 -2.29
N THR A 5 3.60 -3.45 -1.90
CA THR A 5 3.66 -4.15 -0.62
C THR A 5 4.00 -3.20 0.52
N LYS A 6 3.95 -3.71 1.75
CA LYS A 6 4.26 -2.92 2.92
C LYS A 6 5.54 -2.12 2.72
N GLY A 7 5.53 -0.85 3.13
CA GLY A 7 6.69 0.00 3.00
C GLY A 7 6.70 0.75 1.68
N ILE A 8 5.89 0.30 0.73
CA ILE A 8 5.81 0.95 -0.57
C ILE A 8 4.75 2.04 -0.58
N LYS A 9 5.13 3.22 -1.07
CA LYS A 9 4.21 4.35 -1.13
C LYS A 9 2.90 3.96 -1.81
N CYS A 10 1.80 4.46 -1.28
CA CYS A 10 0.48 4.16 -1.83
C CYS A 10 -0.24 5.44 -2.25
N ASN A 11 0.51 6.54 -2.32
CA ASN A 11 -0.06 7.82 -2.71
C ASN A 11 -0.66 7.76 -4.10
N ASP A 12 -0.24 6.77 -4.88
CA ASP A 12 -0.74 6.59 -6.24
C ASP A 12 -1.01 5.12 -6.53
N ILE A 13 0.01 4.28 -6.33
CA ILE A 13 -0.13 2.85 -6.59
C ILE A 13 -0.93 2.18 -5.48
N HIS A 14 -1.71 1.17 -5.85
CA HIS A 14 -2.53 0.43 -4.89
C HIS A 14 -1.81 -0.82 -4.41
N CYS A 15 -2.15 -1.26 -3.21
CA CYS A 15 -1.54 -2.46 -2.63
C CYS A 15 -2.32 -3.71 -2.99
N CYS A 16 -1.64 -4.85 -2.99
CA CYS A 16 -2.28 -6.12 -3.32
C CYS A 16 -3.37 -6.46 -2.32
N SER A 17 -4.35 -7.25 -2.75
CA SER A 17 -5.45 -7.65 -1.89
C SER A 17 -4.93 -8.22 -0.57
N GLY A 18 -5.16 -7.48 0.51
CA GLY A 18 -4.71 -7.93 1.82
C GLY A 18 -3.98 -6.84 2.58
N LEU A 19 -3.54 -5.81 1.87
CA LEU A 19 -2.82 -4.70 2.49
C LEU A 19 -3.65 -3.42 2.44
N LYS A 20 -3.39 -2.51 3.38
CA LYS A 20 -4.11 -1.25 3.45
C LYS A 20 -3.24 -0.09 2.98
N CYS A 21 -3.87 0.91 2.38
CA CYS A 21 -3.14 2.08 1.89
C CYS A 21 -3.15 3.20 2.92
N ASP A 22 -2.11 3.25 3.74
CA ASP A 22 -1.99 4.27 4.77
C ASP A 22 -2.00 5.66 4.16
N SER A 23 -3.15 6.33 4.24
CA SER A 23 -3.30 7.67 3.69
C SER A 23 -2.58 8.70 4.55
N LYS A 24 -2.20 8.29 5.76
CA LYS A 24 -1.51 9.17 6.68
C LYS A 24 0.00 9.17 6.42
N ARG A 25 0.56 7.98 6.18
CA ARG A 25 1.98 7.84 5.92
C ARG A 25 2.23 7.68 4.42
N LYS A 26 1.17 7.74 3.63
CA LYS A 26 1.28 7.60 2.18
C LYS A 26 2.06 6.34 1.81
N VAL A 27 1.75 5.24 2.49
CA VAL A 27 2.41 3.97 2.24
C VAL A 27 1.49 2.79 2.54
N CYS A 28 1.86 1.61 2.04
CA CYS A 28 1.07 0.41 2.25
C CYS A 28 1.42 -0.23 3.59
N VAL A 29 0.41 -0.79 4.26
CA VAL A 29 0.60 -1.43 5.55
C VAL A 29 -0.25 -2.69 5.66
N LYS A 30 -0.09 -3.42 6.76
CA LYS A 30 -0.83 -4.65 7.00
C LYS A 30 -2.32 -4.35 7.21
N GLY A 31 -3.17 -5.16 6.60
CA GLY A 31 -4.60 -4.97 6.74
C GLY A 31 -5.40 -6.05 6.03
N GLY A 1 1.21 -10.99 -9.55
CA GLY A 1 1.31 -9.95 -8.55
C GLY A 1 2.31 -8.87 -8.93
N TYR A 2 1.89 -7.61 -8.79
CA TYR A 2 2.75 -6.49 -9.13
C TYR A 2 2.19 -5.18 -8.55
N CYS A 3 1.66 -5.26 -7.33
CA CYS A 3 1.10 -4.09 -6.67
C CYS A 3 2.08 -3.51 -5.66
N ALA A 4 1.61 -2.53 -4.88
CA ALA A 4 2.45 -1.90 -3.87
C ALA A 4 2.39 -2.66 -2.56
N THR A 5 3.50 -3.31 -2.21
CA THR A 5 3.58 -4.08 -0.98
C THR A 5 3.93 -3.18 0.20
N LYS A 6 3.91 -3.76 1.41
CA LYS A 6 4.23 -3.00 2.62
C LYS A 6 5.53 -2.21 2.43
N GLY A 7 5.52 -0.96 2.91
CA GLY A 7 6.69 -0.12 2.79
C GLY A 7 6.69 0.70 1.51
N ILE A 8 5.85 0.29 0.55
CA ILE A 8 5.77 0.99 -0.72
C ILE A 8 4.72 2.09 -0.67
N LYS A 9 5.09 3.28 -1.11
CA LYS A 9 4.19 4.42 -1.12
C LYS A 9 2.88 4.07 -1.81
N CYS A 10 1.77 4.54 -1.24
CA CYS A 10 0.45 4.28 -1.80
C CYS A 10 -0.27 5.58 -2.15
N ASN A 11 0.49 6.67 -2.20
CA ASN A 11 -0.07 7.98 -2.53
C ASN A 11 -0.70 7.97 -3.92
N ASP A 12 -0.29 7.01 -4.74
CA ASP A 12 -0.81 6.89 -6.09
C ASP A 12 -1.14 5.42 -6.43
N ILE A 13 -0.14 4.56 -6.32
CA ILE A 13 -0.32 3.15 -6.61
C ILE A 13 -1.07 2.45 -5.48
N HIS A 14 -1.89 1.46 -5.84
CA HIS A 14 -2.66 0.71 -4.86
C HIS A 14 -1.94 -0.57 -4.46
N CYS A 15 -2.26 -1.08 -3.28
CA CYS A 15 -1.65 -2.31 -2.78
C CYS A 15 -2.44 -3.54 -3.20
N CYS A 16 -1.76 -4.68 -3.28
CA CYS A 16 -2.40 -5.93 -3.67
C CYS A 16 -3.49 -6.32 -2.65
N SER A 17 -4.47 -7.09 -3.12
CA SER A 17 -5.56 -7.53 -2.26
C SER A 17 -5.03 -8.16 -0.98
N GLY A 18 -5.19 -7.46 0.13
CA GLY A 18 -4.71 -7.96 1.40
C GLY A 18 -3.97 -6.91 2.20
N LEU A 19 -3.57 -5.83 1.54
CA LEU A 19 -2.85 -4.75 2.20
C LEU A 19 -3.68 -3.48 2.22
N LYS A 20 -3.39 -2.61 3.18
CA LYS A 20 -4.10 -1.34 3.31
C LYS A 20 -3.23 -0.17 2.89
N CYS A 21 -3.86 0.87 2.34
CA CYS A 21 -3.13 2.05 1.89
C CYS A 21 -3.13 3.14 2.97
N ASP A 22 -2.08 3.15 3.78
CA ASP A 22 -1.95 4.12 4.86
C ASP A 22 -1.95 5.55 4.29
N SER A 23 -3.10 6.21 4.40
CA SER A 23 -3.24 7.58 3.91
C SER A 23 -2.51 8.56 4.82
N LYS A 24 -2.12 8.10 6.00
CA LYS A 24 -1.41 8.94 6.96
C LYS A 24 0.09 8.94 6.68
N ARG A 25 0.63 7.77 6.38
CA ARG A 25 2.05 7.64 6.09
C ARG A 25 2.30 7.53 4.59
N LYS A 26 1.22 7.62 3.82
CA LYS A 26 1.31 7.55 2.37
C LYS A 26 2.07 6.29 1.94
N VAL A 27 1.77 5.17 2.58
CA VAL A 27 2.42 3.91 2.26
C VAL A 27 1.50 2.73 2.53
N CYS A 28 1.86 1.57 1.98
CA CYS A 28 1.07 0.36 2.16
C CYS A 28 1.43 -0.34 3.47
N VAL A 29 0.42 -0.90 4.13
CA VAL A 29 0.63 -1.60 5.39
C VAL A 29 -0.23 -2.86 5.47
N LYS A 30 -0.04 -3.63 6.54
CA LYS A 30 -0.79 -4.86 6.73
C LYS A 30 -2.19 -4.58 7.25
N GLY A 31 -3.16 -4.54 6.34
CA GLY A 31 -4.53 -4.26 6.73
C GLY A 31 -5.07 -5.29 7.70
N GLY A 1 -0.07 -8.45 -11.40
CA GLY A 1 1.32 -8.80 -11.59
C GLY A 1 2.17 -8.46 -10.38
N TYR A 2 2.11 -7.21 -9.95
CA TYR A 2 2.89 -6.76 -8.80
C TYR A 2 2.34 -5.45 -8.25
N CYS A 3 1.80 -5.50 -7.04
CA CYS A 3 1.24 -4.32 -6.39
C CYS A 3 2.22 -3.72 -5.39
N ALA A 4 1.76 -2.73 -4.64
CA ALA A 4 2.60 -2.07 -3.64
C ALA A 4 2.50 -2.77 -2.29
N THR A 5 3.58 -3.45 -1.90
CA THR A 5 3.61 -4.17 -0.64
C THR A 5 3.97 -3.23 0.52
N LYS A 6 3.94 -3.76 1.74
CA LYS A 6 4.26 -2.98 2.92
C LYS A 6 5.54 -2.17 2.71
N GLY A 7 5.50 -0.90 3.09
CA GLY A 7 6.67 -0.04 2.94
C GLY A 7 6.64 0.74 1.63
N ILE A 8 5.88 0.24 0.66
CA ILE A 8 5.77 0.90 -0.63
C ILE A 8 4.70 1.98 -0.61
N LYS A 9 5.01 3.15 -1.16
CA LYS A 9 4.08 4.26 -1.21
C LYS A 9 2.74 3.82 -1.79
N CYS A 10 1.65 4.38 -1.25
CA CYS A 10 0.31 4.04 -1.72
C CYS A 10 -0.45 5.29 -2.15
N ASN A 11 0.26 6.42 -2.19
CA ASN A 11 -0.34 7.69 -2.59
C ASN A 11 -0.80 7.64 -4.05
N ASP A 12 -0.12 6.81 -4.84
CA ASP A 12 -0.45 6.66 -6.25
C ASP A 12 -0.76 5.21 -6.60
N ILE A 13 0.21 4.34 -6.40
CA ILE A 13 0.02 2.92 -6.68
C ILE A 13 -0.84 2.25 -5.62
N HIS A 14 -1.59 1.23 -6.03
CA HIS A 14 -2.45 0.51 -5.11
C HIS A 14 -1.77 -0.75 -4.58
N CYS A 15 -2.13 -1.16 -3.38
CA CYS A 15 -1.55 -2.33 -2.75
C CYS A 15 -2.34 -3.59 -3.10
N CYS A 16 -1.68 -4.73 -3.07
CA CYS A 16 -2.32 -6.01 -3.39
C CYS A 16 -3.40 -6.34 -2.35
N SER A 17 -4.39 -7.12 -2.77
CA SER A 17 -5.48 -7.51 -1.88
C SER A 17 -4.95 -8.06 -0.57
N GLY A 18 -5.33 -7.44 0.54
CA GLY A 18 -4.88 -7.89 1.84
C GLY A 18 -4.13 -6.81 2.60
N LEU A 19 -3.61 -5.83 1.87
CA LEU A 19 -2.87 -4.73 2.48
C LEU A 19 -3.69 -3.46 2.48
N LYS A 20 -3.41 -2.58 3.46
CA LYS A 20 -4.13 -1.32 3.57
C LYS A 20 -3.27 -0.16 3.08
N CYS A 21 -3.91 0.84 2.49
CA CYS A 21 -3.21 2.01 1.97
C CYS A 21 -3.21 3.14 3.00
N ASP A 22 -2.13 3.21 3.79
CA ASP A 22 -2.00 4.24 4.81
C ASP A 22 -2.01 5.63 4.18
N SER A 23 -3.16 6.31 4.27
CA SER A 23 -3.31 7.64 3.70
C SER A 23 -2.58 8.67 4.56
N LYS A 24 -2.19 8.26 5.77
CA LYS A 24 -1.48 9.16 6.68
C LYS A 24 0.01 9.14 6.41
N ARG A 25 0.56 7.96 6.17
CA ARG A 25 1.98 7.81 5.89
C ARG A 25 2.22 7.65 4.39
N LYS A 26 1.15 7.70 3.61
CA LYS A 26 1.25 7.56 2.16
C LYS A 26 2.02 6.30 1.79
N VAL A 27 1.70 5.20 2.47
CA VAL A 27 2.37 3.93 2.21
C VAL A 27 1.45 2.75 2.53
N CYS A 28 1.79 1.57 2.03
CA CYS A 28 1.00 0.38 2.26
C CYS A 28 1.39 -0.28 3.58
N VAL A 29 0.41 -0.88 4.25
CA VAL A 29 0.64 -1.55 5.53
C VAL A 29 -0.21 -2.81 5.65
N LYS A 30 -0.01 -3.54 6.74
CA LYS A 30 -0.75 -4.77 6.98
C LYS A 30 -2.17 -4.47 7.47
N GLY A 31 -3.15 -4.71 6.61
CA GLY A 31 -4.53 -4.46 6.98
C GLY A 31 -5.11 -5.56 7.84
N GLY A 1 0.73 -10.42 -9.69
CA GLY A 1 1.40 -9.87 -8.53
C GLY A 1 2.38 -8.78 -8.89
N TYR A 2 1.91 -7.54 -8.88
CA TYR A 2 2.75 -6.40 -9.21
C TYR A 2 2.19 -5.11 -8.62
N CYS A 3 1.68 -5.21 -7.40
CA CYS A 3 1.11 -4.05 -6.70
C CYS A 3 2.11 -3.47 -5.71
N ALA A 4 1.64 -2.52 -4.90
CA ALA A 4 2.49 -1.89 -3.90
C ALA A 4 2.44 -2.66 -2.57
N THR A 5 3.55 -3.32 -2.25
CA THR A 5 3.64 -4.10 -1.01
C THR A 5 4.01 -3.21 0.16
N LYS A 6 3.99 -3.78 1.36
CA LYS A 6 4.33 -3.04 2.57
C LYS A 6 5.61 -2.23 2.38
N GLY A 7 5.59 -1.00 2.87
CA GLY A 7 6.76 -0.14 2.74
C GLY A 7 6.75 0.66 1.46
N ILE A 8 5.87 0.29 0.52
CA ILE A 8 5.76 0.97 -0.75
C ILE A 8 4.71 2.07 -0.70
N LYS A 9 5.09 3.26 -1.15
CA LYS A 9 4.18 4.41 -1.15
C LYS A 9 2.85 4.05 -1.82
N CYS A 10 1.75 4.53 -1.26
CA CYS A 10 0.42 4.26 -1.81
C CYS A 10 -0.30 5.56 -2.16
N ASN A 11 0.47 6.66 -2.20
CA ASN A 11 -0.10 7.96 -2.52
C ASN A 11 -0.74 7.95 -3.91
N ASP A 12 -0.33 6.99 -4.74
CA ASP A 12 -0.86 6.88 -6.08
C ASP A 12 -1.16 5.41 -6.42
N ILE A 13 -0.16 4.57 -6.31
CA ILE A 13 -0.31 3.14 -6.61
C ILE A 13 -1.07 2.43 -5.49
N HIS A 14 -1.87 1.44 -5.86
CA HIS A 14 -2.65 0.68 -4.89
C HIS A 14 -1.91 -0.59 -4.48
N CYS A 15 -2.24 -1.11 -3.31
CA CYS A 15 -1.60 -2.32 -2.80
C CYS A 15 -2.40 -3.56 -3.21
N CYS A 16 -1.71 -4.69 -3.29
CA CYS A 16 -2.35 -5.95 -3.68
C CYS A 16 -3.41 -6.35 -2.66
N SER A 17 -4.36 -7.16 -3.10
CA SER A 17 -5.44 -7.61 -2.23
C SER A 17 -4.88 -8.21 -0.94
N GLY A 18 -5.09 -7.52 0.17
CA GLY A 18 -4.59 -7.99 1.45
C GLY A 18 -3.85 -6.91 2.23
N LEU A 19 -3.49 -5.84 1.53
CA LEU A 19 -2.77 -4.73 2.16
C LEU A 19 -3.60 -3.46 2.14
N LYS A 20 -3.40 -2.62 3.14
CA LYS A 20 -4.13 -1.35 3.24
C LYS A 20 -3.26 -0.18 2.81
N CYS A 21 -3.88 0.86 2.28
CA CYS A 21 -3.16 2.04 1.83
C CYS A 21 -3.14 3.11 2.92
N ASP A 22 -2.09 3.10 3.73
CA ASP A 22 -1.94 4.07 4.81
C ASP A 22 -1.96 5.50 4.26
N SER A 23 -3.11 6.16 4.40
CA SER A 23 -3.25 7.53 3.92
C SER A 23 -2.52 8.52 4.83
N LYS A 24 -2.13 8.03 6.01
CA LYS A 24 -1.41 8.86 6.97
C LYS A 24 0.08 8.87 6.68
N ARG A 25 0.63 7.70 6.38
CA ARG A 25 2.06 7.58 6.08
C ARG A 25 2.29 7.48 4.58
N LYS A 26 1.21 7.58 3.81
CA LYS A 26 1.29 7.50 2.36
C LYS A 26 2.06 6.26 1.92
N VAL A 27 1.76 5.12 2.55
CA VAL A 27 2.42 3.87 2.22
C VAL A 27 1.50 2.68 2.48
N CYS A 28 1.91 1.51 1.99
CA CYS A 28 1.12 0.30 2.17
C CYS A 28 1.50 -0.41 3.47
N VAL A 29 0.50 -0.93 4.16
CA VAL A 29 0.74 -1.65 5.42
C VAL A 29 -0.31 -2.74 5.64
N LYS A 30 -0.08 -3.58 6.63
CA LYS A 30 -1.01 -4.66 6.95
C LYS A 30 -2.31 -4.10 7.52
N GLY A 31 -3.43 -4.51 6.92
CA GLY A 31 -4.72 -4.05 7.39
C GLY A 31 -5.75 -5.16 7.43
N GLY A 1 0.19 -9.06 -11.61
CA GLY A 1 1.58 -8.66 -11.81
C GLY A 1 2.29 -8.41 -10.49
N TYR A 2 2.20 -7.19 -10.00
CA TYR A 2 2.85 -6.82 -8.74
C TYR A 2 2.30 -5.49 -8.21
N CYS A 3 1.75 -5.53 -7.00
CA CYS A 3 1.20 -4.34 -6.38
C CYS A 3 2.18 -3.74 -5.38
N ALA A 4 1.71 -2.73 -4.63
CA ALA A 4 2.55 -2.07 -3.64
C ALA A 4 2.46 -2.78 -2.29
N THR A 5 3.54 -3.45 -1.91
CA THR A 5 3.58 -4.16 -0.65
C THR A 5 3.95 -3.23 0.51
N LYS A 6 3.91 -3.76 1.73
CA LYS A 6 4.23 -2.97 2.91
C LYS A 6 5.52 -2.18 2.70
N GLY A 7 5.48 -0.90 3.06
CA GLY A 7 6.65 -0.05 2.91
C GLY A 7 6.63 0.73 1.61
N ILE A 8 5.87 0.25 0.63
CA ILE A 8 5.77 0.91 -0.66
C ILE A 8 4.70 2.00 -0.63
N LYS A 9 5.06 3.17 -1.14
CA LYS A 9 4.13 4.30 -1.18
C LYS A 9 2.81 3.89 -1.80
N CYS A 10 1.71 4.40 -1.26
CA CYS A 10 0.38 4.09 -1.78
C CYS A 10 -0.34 5.36 -2.21
N ASN A 11 0.40 6.46 -2.30
CA ASN A 11 -0.16 7.74 -2.71
C ASN A 11 -0.74 7.65 -4.12
N ASP A 12 -0.12 6.83 -4.96
CA ASP A 12 -0.58 6.65 -6.33
C ASP A 12 -0.89 5.19 -6.62
N ILE A 13 0.11 4.33 -6.42
CA ILE A 13 -0.05 2.90 -6.66
C ILE A 13 -0.87 2.25 -5.55
N HIS A 14 -1.66 1.25 -5.92
CA HIS A 14 -2.50 0.54 -4.95
C HIS A 14 -1.81 -0.73 -4.46
N CYS A 15 -2.17 -1.17 -3.25
CA CYS A 15 -1.58 -2.36 -2.67
C CYS A 15 -2.39 -3.60 -3.05
N CYS A 16 -1.73 -4.76 -3.03
CA CYS A 16 -2.38 -6.02 -3.36
C CYS A 16 -3.47 -6.35 -2.35
N SER A 17 -4.46 -7.12 -2.79
CA SER A 17 -5.57 -7.52 -1.92
C SER A 17 -5.05 -8.10 -0.61
N GLY A 18 -5.28 -7.38 0.49
CA GLY A 18 -4.84 -7.85 1.78
C GLY A 18 -4.10 -6.78 2.56
N LEU A 19 -3.62 -5.76 1.85
CA LEU A 19 -2.89 -4.66 2.48
C LEU A 19 -3.71 -3.37 2.46
N LYS A 20 -3.45 -2.50 3.42
CA LYS A 20 -4.17 -1.23 3.51
C LYS A 20 -3.29 -0.08 3.03
N CYS A 21 -3.92 0.93 2.45
CA CYS A 21 -3.20 2.09 1.94
C CYS A 21 -3.19 3.22 2.97
N ASP A 22 -2.12 3.27 3.77
CA ASP A 22 -1.99 4.29 4.81
C ASP A 22 -1.99 5.68 4.19
N SER A 23 -3.13 6.36 4.27
CA SER A 23 -3.27 7.70 3.72
C SER A 23 -2.54 8.72 4.58
N LYS A 24 -2.15 8.31 5.77
CA LYS A 24 -1.44 9.19 6.70
C LYS A 24 0.06 9.17 6.43
N ARG A 25 0.60 7.98 6.18
CA ARG A 25 2.02 7.83 5.90
C ARG A 25 2.27 7.66 4.40
N LYS A 26 1.19 7.73 3.62
CA LYS A 26 1.29 7.59 2.18
C LYS A 26 2.04 6.32 1.80
N VAL A 27 1.74 5.22 2.48
CA VAL A 27 2.38 3.94 2.22
C VAL A 27 1.46 2.77 2.53
N CYS A 28 1.82 1.59 2.05
CA CYS A 28 1.02 0.40 2.28
C CYS A 28 1.37 -0.25 3.61
N VAL A 29 0.37 -0.75 4.31
CA VAL A 29 0.57 -1.40 5.60
C VAL A 29 -0.27 -2.67 5.72
N LYS A 30 -0.04 -3.43 6.79
CA LYS A 30 -0.77 -4.66 7.02
C LYS A 30 -2.23 -4.38 7.36
N GLY A 31 -3.11 -5.29 6.97
CA GLY A 31 -4.52 -5.12 7.22
C GLY A 31 -5.17 -6.37 7.79
#